data_2Y7P
#
_entry.id   2Y7P
#
_cell.length_a   95.698
_cell.length_b   95.698
_cell.length_c   67.404
_cell.angle_alpha   90.00
_cell.angle_beta   90.00
_cell.angle_gamma   120.00
#
_symmetry.space_group_name_H-M   'P 31 2 1'
#
loop_
_entity.id
_entity.type
_entity.pdbx_description
1 polymer 'LYSR-TYPE REGULATORY PROTEIN'
2 non-polymer '2-HYDROXYBENZOIC ACID'
3 non-polymer 2,5,8,11,14,17,20,23,26,29,32,35,38,41,44,47,50,53,56,59,62,65,68,71,74,77,80-HEPTACOSAOXADOOCTACONTAN-82-OL
4 water water
#
_entity_poly.entity_id   1
_entity_poly.type   'polypeptide(L)'
_entity_poly.pdbx_seq_one_letter_code
;MDPFASTRTFNLAMTDIGEMYFMPPLMEALAQRAPHIQISTLRPNAGNLKEDMESGAVDLALGLLPELQTGFFQRRLFRH
RYVCMFRKDHPSAKSPMSLKQFTELEHVGVVALNTGHGEVDGLLERAGIKRRMRLVVPHFIAIGPILHSTDLIATVPQRF
AVRCEVPFGLTTSPHPAKLPDIAINLFWHAKYNRDPGNMWLRQLFVELFSEAHHHHHH
;
_entity_poly.pdbx_strand_id   A
#
loop_
_chem_comp.id
_chem_comp.type
_chem_comp.name
_chem_comp.formula
PEU non-polymer 2,5,8,11,14,17,20,23,26,29,32,35,38,41,44,47,50,53,56,59,62,65,68,71,74,77,80-HEPTACOSAOXADOOCTACONTAN-82-OL 'C55 H112 O28'
SAL non-polymer '2-HYDROXYBENZOIC ACID' 'C7 H6 O3'
#
# COMPACT_ATOMS: atom_id res chain seq x y z
N MET A 1 -29.21 -2.35 14.36
CA MET A 1 -29.56 -1.02 13.80
C MET A 1 -29.26 -0.95 12.31
N ASP A 2 -30.13 -0.28 11.57
CA ASP A 2 -29.92 -0.13 10.16
C ASP A 2 -28.79 0.91 9.89
N PRO A 3 -28.01 0.71 8.80
CA PRO A 3 -26.91 1.58 8.41
C PRO A 3 -27.24 3.06 8.36
N PHE A 4 -28.50 3.44 8.05
CA PHE A 4 -28.93 4.83 7.99
C PHE A 4 -29.07 5.42 9.39
N ALA A 5 -29.20 4.55 10.36
CA ALA A 5 -29.37 5.06 11.68
C ALA A 5 -27.98 5.32 12.25
N SER A 6 -26.92 4.70 11.70
CA SER A 6 -25.63 4.70 12.40
C SER A 6 -24.96 6.04 12.34
N THR A 7 -24.53 6.55 13.49
CA THR A 7 -23.70 7.74 13.55
C THR A 7 -22.29 7.39 14.07
N ARG A 8 -21.95 6.10 14.03
CA ARG A 8 -20.66 5.65 14.51
C ARG A 8 -19.48 6.22 13.69
N THR A 9 -18.36 6.52 14.36
CA THR A 9 -17.10 6.91 13.69
C THR A 9 -16.18 5.69 13.66
N PHE A 10 -15.77 5.26 12.47
CA PHE A 10 -14.87 4.15 12.32
C PHE A 10 -13.47 4.72 11.99
N ASN A 11 -12.48 4.16 12.65
CA ASN A 11 -11.08 4.59 12.51
C ASN A 11 -10.27 3.54 11.73
N LEU A 12 -9.69 3.96 10.61
CA LEU A 12 -9.14 3.06 9.64
C LEU A 12 -7.66 3.35 9.38
N ALA A 13 -6.82 2.30 9.48
CA ALA A 13 -5.37 2.49 9.26
C ALA A 13 -5.00 2.12 7.82
N MET A 14 -4.28 3.01 7.12
CA MET A 14 -3.85 2.69 5.74
C MET A 14 -2.72 3.68 5.38
N THR A 15 -1.95 3.36 4.34
CA THR A 15 -0.81 4.20 3.93
C THR A 15 -1.34 5.38 3.11
N ASP A 16 -0.42 6.29 2.72
CA ASP A 16 -0.80 7.38 1.80
C ASP A 16 -1.45 6.87 0.50
N ILE A 17 -0.80 5.87 -0.10
CA ILE A 17 -1.29 5.18 -1.32
CA ILE A 17 -1.37 5.34 -1.34
C ILE A 17 -2.67 4.58 -1.08
N GLY A 18 -2.78 3.90 0.08
CA GLY A 18 -4.05 3.27 0.45
C GLY A 18 -5.17 4.31 0.57
N GLU A 19 -4.85 5.47 1.14
CA GLU A 19 -5.85 6.54 1.32
C GLU A 19 -6.38 7.04 -0.05
N MET A 20 -5.47 7.28 -1.01
CA MET A 20 -5.81 7.68 -2.37
C MET A 20 -6.59 6.62 -3.13
N TYR A 21 -6.28 5.36 -2.85
CA TYR A 21 -6.97 4.23 -3.53
C TYR A 21 -8.33 3.90 -2.94
N PHE A 22 -8.40 3.77 -1.62
CA PHE A 22 -9.62 3.23 -0.91
C PHE A 22 -10.66 4.30 -0.57
N MET A 23 -10.20 5.51 -0.19
CA MET A 23 -11.11 6.53 0.35
C MET A 23 -12.12 7.12 -0.64
N PRO A 24 -11.72 7.47 -1.90
CA PRO A 24 -12.73 8.05 -2.83
C PRO A 24 -13.96 7.13 -3.09
N PRO A 25 -13.72 5.84 -3.46
CA PRO A 25 -14.92 4.97 -3.65
C PRO A 25 -15.64 4.65 -2.34
N LEU A 26 -14.92 4.49 -1.23
CA LEU A 26 -15.62 4.28 0.06
C LEU A 26 -16.55 5.45 0.38
N MET A 27 -16.05 6.67 0.31
CA MET A 27 -16.89 7.82 0.78
C MET A 27 -18.07 8.05 -0.19
N GLU A 28 -17.82 7.79 -1.46
CA GLU A 28 -18.89 7.84 -2.49
C GLU A 28 -20.01 6.86 -2.13
N ALA A 29 -19.64 5.63 -1.77
CA ALA A 29 -20.63 4.62 -1.39
C ALA A 29 -21.32 4.94 -0.08
N LEU A 30 -20.54 5.40 0.92
CA LEU A 30 -21.15 5.77 2.20
C LEU A 30 -22.22 6.86 2.07
N ALA A 31 -22.02 7.82 1.17
CA ALA A 31 -22.99 8.89 0.98
C ALA A 31 -24.34 8.37 0.46
N GLN A 32 -24.28 7.22 -0.21
CA GLN A 32 -25.50 6.49 -0.67
C GLN A 32 -26.09 5.48 0.30
N ARG A 33 -25.23 4.83 1.11
CA ARG A 33 -25.62 3.63 1.89
C ARG A 33 -25.77 3.86 3.40
N ALA A 34 -25.03 4.83 3.93
CA ALA A 34 -24.96 5.04 5.41
C ALA A 34 -24.42 6.46 5.64
N PRO A 35 -25.23 7.46 5.31
CA PRO A 35 -24.77 8.82 5.18
C PRO A 35 -24.47 9.54 6.49
N HIS A 36 -24.74 8.91 7.65
CA HIS A 36 -24.42 9.54 8.97
C HIS A 36 -23.19 8.94 9.65
N ILE A 37 -22.63 7.87 9.06
CA ILE A 37 -21.37 7.31 9.57
C ILE A 37 -20.23 8.32 9.34
N GLN A 38 -19.29 8.39 10.28
CA GLN A 38 -18.10 9.22 10.08
C GLN A 38 -16.91 8.31 9.95
N ILE A 39 -15.94 8.74 9.16
CA ILE A 39 -14.71 7.93 8.99
C ILE A 39 -13.52 8.83 9.42
N SER A 40 -12.57 8.24 10.13
CA SER A 40 -11.29 8.92 10.32
C SER A 40 -10.22 7.93 9.95
N THR A 41 -9.15 8.41 9.31
CA THR A 41 -8.01 7.54 9.00
C THR A 41 -6.73 7.86 9.79
N LEU A 42 -5.76 6.96 9.73
CA LEU A 42 -4.44 7.20 10.32
C LEU A 42 -3.42 6.34 9.59
N ARG A 43 -2.16 6.75 9.63
CA ARG A 43 -1.09 5.94 8.98
C ARG A 43 -0.72 4.77 9.89
N PRO A 44 -0.34 3.63 9.30
CA PRO A 44 0.06 2.50 10.15
C PRO A 44 1.24 2.84 11.12
N ASN A 45 1.16 2.34 12.37
CA ASN A 45 2.12 2.64 13.46
C ASN A 45 2.48 1.32 14.14
N ALA A 46 3.62 0.75 13.74
CA ALA A 46 3.94 -0.64 14.11
C ALA A 46 3.99 -0.78 15.64
N GLY A 47 4.37 0.29 16.34
CA GLY A 47 4.45 0.27 17.81
C GLY A 47 3.09 0.15 18.47
N ASN A 48 2.07 0.73 17.81
CA ASN A 48 0.77 0.93 18.41
C ASN A 48 -0.32 0.13 17.65
N LEU A 49 -0.11 -0.25 16.38
CA LEU A 49 -1.28 -0.75 15.57
C LEU A 49 -1.94 -1.99 16.15
N LYS A 50 -1.15 -2.99 16.56
CA LYS A 50 -1.74 -4.20 17.12
C LYS A 50 -2.51 -3.89 18.37
N GLU A 51 -1.90 -3.07 19.25
CA GLU A 51 -2.55 -2.75 20.53
C GLU A 51 -3.80 -1.99 20.29
N ASP A 52 -3.71 -1.02 19.35
CA ASP A 52 -4.87 -0.20 18.97
C ASP A 52 -6.02 -0.98 18.35
N MET A 53 -5.70 -2.03 17.60
CA MET A 53 -6.77 -2.90 17.06
C MET A 53 -7.35 -3.80 18.14
N GLU A 54 -6.49 -4.34 19.00
CA GLU A 54 -7.02 -5.09 20.20
C GLU A 54 -7.99 -4.25 21.05
N SER A 55 -7.65 -3.00 21.34
CA SER A 55 -8.47 -2.19 22.25
C SER A 55 -9.69 -1.63 21.58
N GLY A 56 -9.73 -1.69 20.25
CA GLY A 56 -10.86 -1.17 19.52
C GLY A 56 -10.67 0.29 19.13
N ALA A 57 -9.47 0.82 19.35
CA ALA A 57 -9.19 2.23 18.94
C ALA A 57 -9.05 2.37 17.42
N VAL A 58 -8.56 1.32 16.77
CA VAL A 58 -8.51 1.26 15.31
C VAL A 58 -9.44 0.08 14.90
N ASP A 59 -10.40 0.33 14.00
CA ASP A 59 -11.39 -0.71 13.64
C ASP A 59 -10.90 -1.70 12.58
N LEU A 60 -10.24 -1.16 11.54
CA LEU A 60 -9.78 -1.98 10.40
C LEU A 60 -8.42 -1.46 9.95
N ALA A 61 -7.64 -2.33 9.34
CA ALA A 61 -6.36 -1.87 8.68
C ALA A 61 -6.28 -2.47 7.27
N LEU A 62 -5.76 -1.68 6.33
CA LEU A 62 -5.66 -2.08 4.90
C LEU A 62 -4.22 -1.93 4.46
N GLY A 63 -3.69 -2.91 3.74
CA GLY A 63 -2.33 -2.74 3.16
C GLY A 63 -1.49 -4.01 3.24
N LEU A 64 -0.17 -3.83 3.22
CA LEU A 64 0.79 -4.93 3.33
C LEU A 64 1.27 -4.88 4.77
N LEU A 65 0.70 -5.75 5.62
CA LEU A 65 0.91 -5.67 7.05
C LEU A 65 1.20 -7.08 7.61
N PRO A 66 2.39 -7.61 7.27
CA PRO A 66 2.74 -8.95 7.70
C PRO A 66 2.85 -9.14 9.21
N GLU A 67 2.90 -8.09 10.05
CA GLU A 67 2.99 -8.37 11.50
C GLU A 67 1.67 -8.70 12.19
N LEU A 68 0.56 -8.57 11.46
CA LEU A 68 -0.76 -8.75 12.08
C LEU A 68 -1.05 -10.25 11.94
N GLN A 69 -0.78 -11.02 12.99
CA GLN A 69 -0.74 -12.45 12.81
C GLN A 69 -1.72 -13.13 13.77
N THR A 70 -1.22 -13.85 14.79
CA THR A 70 -2.18 -14.53 15.68
C THR A 70 -3.11 -13.50 16.34
N GLY A 71 -4.41 -13.82 16.42
CA GLY A 71 -5.41 -12.91 16.99
C GLY A 71 -6.09 -12.03 15.96
N PHE A 72 -5.59 -12.02 14.73
CA PHE A 72 -6.14 -11.25 13.64
C PHE A 72 -6.73 -12.10 12.56
N PHE A 73 -7.57 -11.49 11.74
CA PHE A 73 -8.16 -12.12 10.56
C PHE A 73 -7.84 -11.25 9.35
N GLN A 74 -7.79 -11.85 8.17
CA GLN A 74 -7.46 -11.10 6.96
C GLN A 74 -8.25 -11.62 5.79
N ARG A 75 -8.69 -10.73 4.91
CA ARG A 75 -9.26 -11.11 3.64
C ARG A 75 -8.43 -10.45 2.56
N ARG A 76 -8.13 -11.24 1.53
CA ARG A 76 -7.32 -10.77 0.37
C ARG A 76 -8.13 -9.83 -0.52
N LEU A 77 -7.68 -8.60 -0.72
CA LEU A 77 -8.31 -7.76 -1.77
C LEU A 77 -7.69 -7.96 -3.14
N PHE A 78 -6.35 -7.89 -3.23
CA PHE A 78 -5.66 -8.22 -4.50
C PHE A 78 -4.18 -8.38 -4.16
N ARG A 79 -3.36 -8.82 -5.13
CA ARG A 79 -1.92 -8.87 -4.93
C ARG A 79 -1.23 -8.31 -6.19
N HIS A 80 0.00 -7.83 -6.00
CA HIS A 80 0.75 -7.20 -7.12
C HIS A 80 2.22 -7.28 -6.76
N ARG A 81 3.13 -6.87 -7.67
CA ARG A 81 4.56 -7.08 -7.48
C ARG A 81 5.25 -5.72 -7.40
N TYR A 82 6.48 -5.71 -6.91
CA TYR A 82 7.35 -4.51 -7.10
C TYR A 82 7.89 -4.47 -8.53
N VAL A 83 8.03 -3.23 -9.03
CA VAL A 83 8.60 -2.93 -10.36
C VAL A 83 9.65 -1.82 -10.18
N CYS A 84 10.51 -1.65 -11.19
CA CYS A 84 11.41 -0.49 -11.24
CA CYS A 84 11.43 -0.51 -11.21
C CYS A 84 10.73 0.61 -12.01
N MET A 85 10.82 1.85 -11.53
CA MET A 85 10.15 2.94 -12.21
C MET A 85 11.21 4.04 -12.41
N PHE A 86 11.10 4.79 -13.51
CA PHE A 86 12.10 5.81 -13.90
C PHE A 86 11.44 6.65 -15.00
N ARG A 87 12.02 7.81 -15.33
CA ARG A 87 11.36 8.67 -16.31
C ARG A 87 11.48 8.11 -17.74
N LYS A 88 10.52 8.46 -18.59
CA LYS A 88 10.39 7.71 -19.84
C LYS A 88 11.55 8.02 -20.80
N ASP A 89 12.21 9.16 -20.61
CA ASP A 89 13.38 9.45 -21.49
C ASP A 89 14.70 9.33 -20.77
N HIS A 90 14.76 8.42 -19.77
CA HIS A 90 15.96 8.22 -18.99
C HIS A 90 17.09 7.89 -19.97
N PRO A 91 18.30 8.38 -19.73
CA PRO A 91 19.31 8.22 -20.80
C PRO A 91 19.86 6.80 -20.98
N SER A 92 19.62 5.91 -20.03
CA SER A 92 20.21 4.57 -20.14
C SER A 92 19.31 3.45 -19.60
N ALA A 93 18.35 3.78 -18.70
CA ALA A 93 17.54 2.71 -18.10
C ALA A 93 16.74 2.00 -19.20
N LYS A 94 16.67 0.68 -19.13
CA LYS A 94 15.81 -0.03 -20.05
C LYS A 94 14.94 -1.09 -19.37
N SER A 95 13.88 -1.47 -20.09
CA SER A 95 12.93 -2.50 -19.67
C SER A 95 13.00 -3.68 -20.65
N PRO A 96 13.27 -4.92 -20.19
CA PRO A 96 13.57 -5.38 -18.83
C PRO A 96 14.95 -4.96 -18.31
N MET A 97 15.00 -4.29 -17.17
CA MET A 97 16.27 -3.91 -16.58
C MET A 97 17.13 -5.06 -16.06
N SER A 98 18.41 -5.04 -16.36
CA SER A 98 19.33 -6.05 -15.79
C SER A 98 19.66 -5.82 -14.30
N LEU A 99 20.05 -6.88 -13.58
CA LEU A 99 20.43 -6.69 -12.18
C LEU A 99 21.65 -5.78 -12.07
N LYS A 100 22.60 -5.94 -13.02
CA LYS A 100 23.80 -5.10 -13.10
C LYS A 100 23.44 -3.61 -13.22
N GLN A 101 22.53 -3.29 -14.14
CA GLN A 101 22.11 -1.91 -14.37
C GLN A 101 21.33 -1.35 -13.16
N PHE A 102 20.47 -2.16 -12.58
CA PHE A 102 19.73 -1.80 -11.33
C PHE A 102 20.70 -1.35 -10.29
N THR A 103 21.81 -2.05 -10.25
CA THR A 103 22.85 -1.86 -9.27
C THR A 103 23.80 -0.69 -9.60
N GLU A 104 23.86 -0.31 -10.87
CA GLU A 104 24.69 0.80 -11.32
C GLU A 104 24.00 2.14 -11.22
N LEU A 105 22.70 2.21 -11.52
CA LEU A 105 22.01 3.49 -11.48
C LEU A 105 21.79 3.95 -10.01
N GLU A 106 21.50 5.23 -9.80
CA GLU A 106 21.22 5.72 -8.44
C GLU A 106 19.70 5.72 -8.09
N HIS A 107 19.40 5.61 -6.79
CA HIS A 107 18.05 5.30 -6.35
C HIS A 107 17.44 6.37 -5.44
N VAL A 108 16.11 6.52 -5.50
CA VAL A 108 15.37 7.09 -4.40
C VAL A 108 14.87 5.91 -3.52
N GLY A 109 15.35 5.82 -2.29
CA GLY A 109 14.93 4.75 -1.37
C GLY A 109 13.64 5.15 -0.64
N VAL A 110 12.82 4.17 -0.29
CA VAL A 110 11.57 4.47 0.43
C VAL A 110 11.61 3.60 1.71
N VAL A 111 11.54 4.25 2.87
CA VAL A 111 11.76 3.54 4.14
C VAL A 111 10.50 2.74 4.49
N ALA A 112 9.31 3.32 4.35
CA ALA A 112 8.02 2.63 4.64
C ALA A 112 8.01 1.86 5.98
N LEU A 113 8.43 2.54 7.03
CA LEU A 113 8.73 1.94 8.34
C LEU A 113 7.61 1.03 8.89
N ASN A 114 6.37 1.44 8.74
CA ASN A 114 5.41 0.65 9.51
C ASN A 114 4.65 -0.44 8.70
N THR A 115 5.25 -0.88 7.57
CA THR A 115 4.54 -1.79 6.65
C THR A 115 5.53 -2.83 6.09
N GLY A 116 5.01 -3.82 5.37
CA GLY A 116 5.84 -4.81 4.75
C GLY A 116 6.81 -4.20 3.74
N HIS A 117 6.49 -3.01 3.20
CA HIS A 117 7.38 -2.37 2.23
C HIS A 117 8.70 -1.96 2.88
N GLY A 118 8.69 -1.85 4.21
CA GLY A 118 9.89 -1.58 5.00
C GLY A 118 10.91 -2.72 4.91
N GLU A 119 10.51 -3.88 4.36
CA GLU A 119 11.37 -5.07 4.20
CA GLU A 119 11.41 -5.03 4.23
C GLU A 119 12.28 -4.97 2.97
N VAL A 120 11.91 -4.14 1.98
CA VAL A 120 12.63 -4.13 0.69
C VAL A 120 14.16 -3.91 0.83
N ASP A 121 14.56 -2.91 1.61
CA ASP A 121 15.97 -2.49 1.65
C ASP A 121 16.81 -3.68 2.17
N GLY A 122 16.37 -4.31 3.26
CA GLY A 122 17.04 -5.50 3.79
C GLY A 122 17.02 -6.72 2.89
N LEU A 123 15.94 -6.93 2.12
CA LEU A 123 15.85 -8.05 1.19
C LEU A 123 16.86 -7.92 0.04
N LEU A 124 17.01 -6.69 -0.46
CA LEU A 124 17.98 -6.42 -1.50
C LEU A 124 19.40 -6.60 -0.98
N GLU A 125 19.68 -6.01 0.16
CA GLU A 125 20.99 -6.01 0.74
C GLU A 125 21.48 -7.40 1.14
N ARG A 126 20.60 -8.19 1.73
CA ARG A 126 20.96 -9.55 2.07
C ARG A 126 21.20 -10.41 0.84
N ALA A 127 20.63 -10.04 -0.32
CA ALA A 127 20.90 -10.75 -1.55
C ALA A 127 22.18 -10.20 -2.14
N GLY A 128 22.83 -9.29 -1.41
CA GLY A 128 24.09 -8.71 -1.87
C GLY A 128 23.93 -7.64 -2.93
N ILE A 129 22.71 -7.19 -3.21
CA ILE A 129 22.48 -6.02 -4.09
C ILE A 129 22.71 -4.68 -3.34
N LYS A 130 23.85 -4.04 -3.63
CA LYS A 130 24.25 -2.75 -3.04
C LYS A 130 23.64 -1.66 -3.96
N ARG A 131 23.00 -0.66 -3.37
CA ARG A 131 22.34 0.40 -4.17
C ARG A 131 22.94 1.70 -3.69
N ARG A 132 23.17 2.63 -4.62
CA ARG A 132 23.59 3.96 -4.27
C ARG A 132 22.31 4.79 -4.01
N MET A 133 22.06 5.06 -2.75
CA MET A 133 20.83 5.74 -2.31
C MET A 133 21.06 7.23 -2.31
N ARG A 134 20.78 7.88 -3.42
CA ARG A 134 21.04 9.34 -3.51
C ARG A 134 20.07 10.15 -2.62
N LEU A 135 18.80 9.75 -2.63
CA LEU A 135 17.72 10.35 -1.82
C LEU A 135 17.02 9.20 -1.07
N VAL A 136 16.64 9.42 0.21
CA VAL A 136 15.75 8.45 0.91
C VAL A 136 14.59 9.27 1.46
N VAL A 137 13.38 8.79 1.20
CA VAL A 137 12.16 9.44 1.67
C VAL A 137 11.36 8.41 2.50
N PRO A 138 10.43 8.91 3.35
CA PRO A 138 9.81 7.94 4.27
C PRO A 138 8.66 7.14 3.66
N HIS A 139 8.07 7.65 2.58
CA HIS A 139 6.80 7.11 2.02
C HIS A 139 6.81 7.20 0.49
N PHE A 140 5.85 6.54 -0.14
CA PHE A 140 5.86 6.47 -1.61
C PHE A 140 5.29 7.67 -2.35
N ILE A 141 4.36 8.41 -1.73
CA ILE A 141 3.49 9.29 -2.52
C ILE A 141 4.18 10.35 -3.40
N ALA A 142 5.32 10.89 -2.94
CA ALA A 142 5.99 11.96 -3.70
C ALA A 142 7.07 11.46 -4.72
N ILE A 143 7.25 10.14 -4.85
CA ILE A 143 8.28 9.49 -5.74
C ILE A 143 8.13 10.02 -7.21
N GLY A 144 6.88 10.08 -7.67
CA GLY A 144 6.59 10.46 -9.08
C GLY A 144 7.26 11.75 -9.61
N PRO A 145 7.01 12.93 -8.97
CA PRO A 145 7.64 14.16 -9.49
C PRO A 145 9.18 14.11 -9.32
N ILE A 146 9.68 13.43 -8.28
CA ILE A 146 11.13 13.27 -8.13
C ILE A 146 11.79 12.51 -9.29
N LEU A 147 11.19 11.38 -9.70
CA LEU A 147 11.75 10.62 -10.79
C LEU A 147 11.66 11.40 -12.10
N HIS A 148 10.62 12.21 -12.24
CA HIS A 148 10.40 12.99 -13.47
C HIS A 148 11.60 13.94 -13.72
N SER A 149 12.09 14.55 -12.65
CA SER A 149 13.08 15.61 -12.81
C SER A 149 14.48 15.10 -12.64
N THR A 150 14.68 13.80 -12.47
CA THR A 150 16.04 13.24 -12.23
C THR A 150 16.30 11.97 -13.05
N ASP A 151 17.54 11.42 -12.93
CA ASP A 151 17.87 10.12 -13.52
C ASP A 151 17.82 9.02 -12.47
N LEU A 152 17.13 9.26 -11.34
CA LEU A 152 17.03 8.29 -10.26
C LEU A 152 16.00 7.21 -10.64
N ILE A 153 16.12 6.04 -10.04
CA ILE A 153 15.14 4.98 -10.26
C ILE A 153 14.59 4.60 -8.89
N ALA A 154 13.47 3.86 -8.86
CA ALA A 154 12.86 3.49 -7.56
C ALA A 154 12.18 2.12 -7.66
N THR A 155 12.07 1.47 -6.51
CA THR A 155 11.43 0.14 -6.40
C THR A 155 10.05 0.42 -5.76
N VAL A 156 8.99 0.15 -6.51
CA VAL A 156 7.68 0.69 -6.26
CA VAL A 156 7.69 0.65 -6.17
C VAL A 156 6.59 -0.37 -6.48
N PRO A 157 5.50 -0.34 -5.66
CA PRO A 157 4.37 -1.26 -5.94
C PRO A 157 3.79 -1.04 -7.33
N GLN A 158 3.52 -2.09 -8.08
CA GLN A 158 3.10 -1.90 -9.49
C GLN A 158 1.82 -1.09 -9.66
N ARG A 159 0.76 -1.32 -8.86
CA ARG A 159 -0.45 -0.52 -9.08
C ARG A 159 -0.28 1.01 -8.86
N PHE A 160 0.60 1.37 -7.93
CA PHE A 160 0.91 2.76 -7.71
C PHE A 160 1.75 3.30 -8.91
N ALA A 161 2.81 2.59 -9.29
CA ALA A 161 3.57 2.93 -10.49
C ALA A 161 2.70 3.21 -11.68
N VAL A 162 1.75 2.31 -11.98
CA VAL A 162 0.92 2.50 -13.16
C VAL A 162 0.17 3.80 -13.09
N ARG A 163 -0.32 4.16 -11.90
CA ARG A 163 -0.98 5.45 -11.72
C ARG A 163 -0.05 6.63 -11.92
N CYS A 164 1.27 6.42 -11.74
CA CYS A 164 2.23 7.53 -11.91
C CYS A 164 2.70 7.77 -13.35
N GLU A 165 2.58 6.76 -14.22
CA GLU A 165 3.21 6.74 -15.53
C GLU A 165 2.84 7.95 -16.41
N VAL A 166 1.57 8.14 -16.69
CA VAL A 166 1.10 9.27 -17.50
C VAL A 166 1.24 10.64 -16.83
N PRO A 167 0.71 10.83 -15.60
CA PRO A 167 0.84 12.17 -14.98
C PRO A 167 2.29 12.66 -14.83
N PHE A 168 3.25 11.77 -14.59
CA PHE A 168 4.65 12.21 -14.36
C PHE A 168 5.61 11.82 -15.47
N GLY A 169 5.09 11.29 -16.59
CA GLY A 169 5.95 10.81 -17.70
C GLY A 169 6.97 9.76 -17.32
N LEU A 170 6.52 8.74 -16.56
CA LEU A 170 7.41 7.66 -16.18
C LEU A 170 7.13 6.36 -16.94
N THR A 171 8.08 5.45 -16.87
CA THR A 171 7.84 4.11 -17.34
C THR A 171 8.36 3.08 -16.31
N THR A 172 8.12 1.79 -16.56
CA THR A 172 8.53 0.74 -15.62
C THR A 172 9.19 -0.45 -16.26
N SER A 173 9.93 -1.23 -15.49
CA SER A 173 10.52 -2.47 -15.90
C SER A 173 10.12 -3.48 -14.84
N PRO A 174 9.96 -4.76 -15.23
CA PRO A 174 9.86 -5.85 -14.26
C PRO A 174 11.08 -5.75 -13.42
N HIS A 175 10.97 -6.09 -12.13
CA HIS A 175 12.09 -5.98 -11.25
C HIS A 175 13.11 -7.11 -11.38
N PRO A 176 14.38 -6.76 -11.61
CA PRO A 176 15.38 -7.85 -11.77
C PRO A 176 15.77 -8.56 -10.49
N ALA A 177 15.39 -8.01 -9.34
CA ALA A 177 15.70 -8.71 -8.11
C ALA A 177 14.54 -9.63 -7.77
N LYS A 178 14.83 -10.62 -6.93
CA LYS A 178 13.81 -11.52 -6.45
C LYS A 178 13.16 -10.84 -5.24
N LEU A 179 11.94 -10.32 -5.42
CA LEU A 179 11.25 -9.68 -4.30
C LEU A 179 9.89 -10.40 -4.08
N PRO A 180 9.40 -10.39 -2.85
CA PRO A 180 8.11 -11.04 -2.60
C PRO A 180 6.90 -10.32 -3.21
N ASP A 181 5.79 -11.05 -3.34
CA ASP A 181 4.50 -10.50 -3.66
C ASP A 181 4.09 -9.47 -2.65
N ILE A 182 3.27 -8.55 -3.14
CA ILE A 182 2.60 -7.57 -2.28
C ILE A 182 1.16 -8.01 -2.13
N ALA A 183 0.85 -8.62 -0.98
CA ALA A 183 -0.51 -9.02 -0.72
C ALA A 183 -1.24 -7.86 -0.03
N ILE A 184 -2.28 -7.30 -0.67
CA ILE A 184 -3.02 -6.22 -0.06
C ILE A 184 -4.27 -6.80 0.55
N ASN A 185 -4.37 -6.71 1.87
CA ASN A 185 -5.45 -7.36 2.62
C ASN A 185 -6.26 -6.34 3.47
N LEU A 186 -7.45 -6.75 3.83
CA LEU A 186 -8.31 -6.11 4.85
C LEU A 186 -8.13 -6.90 6.15
N PHE A 187 -7.75 -6.21 7.24
CA PHE A 187 -7.46 -6.85 8.56
C PHE A 187 -8.42 -6.39 9.65
N TRP A 188 -8.78 -7.30 10.55
CA TRP A 188 -9.48 -6.94 11.76
C TRP A 188 -9.04 -7.83 12.90
N HIS A 189 -9.27 -7.36 14.10
CA HIS A 189 -8.91 -8.15 15.26
C HIS A 189 -10.06 -9.11 15.62
N ALA A 190 -9.70 -10.30 16.10
CA ALA A 190 -10.70 -11.31 16.48
C ALA A 190 -11.77 -10.81 17.46
N LYS A 191 -11.41 -9.88 18.34
CA LYS A 191 -12.43 -9.35 19.30
C LYS A 191 -13.62 -8.68 18.63
N TYR A 192 -13.46 -8.27 17.36
CA TYR A 192 -14.50 -7.53 16.67
C TYR A 192 -15.02 -8.31 15.48
N ASN A 193 -14.65 -9.59 15.38
CA ASN A 193 -15.16 -10.47 14.35
C ASN A 193 -16.69 -10.45 14.23
N ARG A 194 -17.44 -10.43 15.35
CA ARG A 194 -18.90 -10.44 15.19
C ARG A 194 -19.55 -9.13 15.61
N ASP A 195 -18.78 -8.04 15.71
CA ASP A 195 -19.41 -6.73 15.95
C ASP A 195 -20.19 -6.34 14.68
N PRO A 196 -21.52 -6.10 14.79
CA PRO A 196 -22.28 -5.88 13.56
C PRO A 196 -21.79 -4.69 12.68
N GLY A 197 -21.34 -3.61 13.30
CA GLY A 197 -20.91 -2.39 12.55
C GLY A 197 -19.61 -2.70 11.79
N ASN A 198 -18.68 -3.34 12.48
CA ASN A 198 -17.42 -3.75 11.86
C ASN A 198 -17.72 -4.71 10.73
N MET A 199 -18.54 -5.74 10.98
CA MET A 199 -18.92 -6.66 9.87
C MET A 199 -19.48 -5.94 8.63
N TRP A 200 -20.39 -4.99 8.85
CA TRP A 200 -21.06 -4.27 7.77
C TRP A 200 -20.00 -3.50 6.97
N LEU A 201 -19.13 -2.76 7.66
CA LEU A 201 -18.08 -1.99 6.93
C LEU A 201 -17.05 -2.91 6.18
N ARG A 202 -16.68 -4.06 6.78
CA ARG A 202 -15.86 -5.05 6.10
C ARG A 202 -16.51 -5.55 4.79
N GLN A 203 -17.77 -5.87 4.86
CA GLN A 203 -18.47 -6.37 3.66
C GLN A 203 -18.47 -5.28 2.56
N LEU A 204 -18.61 -4.02 2.94
CA LEU A 204 -18.55 -2.91 1.96
C LEU A 204 -17.18 -2.85 1.30
N PHE A 205 -16.10 -2.94 2.10
CA PHE A 205 -14.74 -2.99 1.56
C PHE A 205 -14.61 -4.18 0.56
N VAL A 206 -15.13 -5.34 0.96
CA VAL A 206 -15.05 -6.51 0.06
C VAL A 206 -15.79 -6.22 -1.26
N GLU A 207 -17.03 -5.72 -1.16
CA GLU A 207 -17.83 -5.41 -2.35
CA GLU A 207 -17.80 -5.42 -2.36
C GLU A 207 -17.10 -4.42 -3.26
N LEU A 208 -16.55 -3.34 -2.68
CA LEU A 208 -15.87 -2.31 -3.50
C LEU A 208 -14.52 -2.71 -4.04
N PHE A 209 -13.75 -3.53 -3.32
CA PHE A 209 -12.32 -3.70 -3.65
C PHE A 209 -11.76 -5.12 -3.87
N SER A 210 -12.51 -6.16 -3.45
CA SER A 210 -12.07 -7.51 -3.56
C SER A 210 -11.97 -7.95 -5.04
N GLU A 211 -10.84 -8.53 -5.43
CA GLU A 211 -10.70 -9.10 -6.76
C GLU A 211 -10.71 -10.64 -6.77
N ALA A 212 -11.14 -11.23 -5.65
CA ALA A 212 -11.40 -12.71 -5.56
C ALA A 212 -12.28 -13.32 -6.66
N HIS A 213 -13.39 -12.66 -7.02
CA HIS A 213 -14.22 -13.12 -8.17
C HIS A 213 -13.76 -12.49 -9.53
N HIS A 214 -13.70 -11.14 -9.60
CA HIS A 214 -13.03 -10.36 -10.69
C HIS A 214 -12.03 -11.21 -11.50
N HIS A 215 -10.95 -11.57 -10.79
CA HIS A 215 -9.67 -12.00 -11.37
C HIS A 215 -9.38 -13.46 -10.93
C1' SAL B . -0.43 -0.28 -0.08
O1' SAL B . -0.70 0.06 1.11
O2' SAL B . 0.72 -0.66 -0.39
C1 SAL B . -1.44 -0.23 -1.15
C2 SAL B . -1.06 -0.62 -2.52
C3 SAL B . -2.00 -0.54 -3.54
C4 SAL B . -3.31 -0.09 -3.29
C5 SAL B . -3.65 0.28 -2.00
C6 SAL B . -2.74 0.22 -0.91
O2 SAL B . 0.20 -1.09 -2.75
C1' SAL C . -23.27 0.37 13.69
O1' SAL C . -22.94 1.57 13.88
O2' SAL C . -23.35 -0.39 14.69
C1 SAL C . -23.61 -0.13 12.28
C2 SAL C . -24.41 -1.39 12.09
C3 SAL C . -24.71 -1.84 10.81
C4 SAL C . -24.26 -1.08 9.73
C5 SAL C . -23.49 0.08 9.87
C6 SAL C . -23.17 0.56 11.14
O2 SAL C . -24.87 -2.10 13.16
OAB PEU D . -2.49 2.40 -6.37
CAC PEU D . -2.66 3.63 -5.57
CAD PEU D . -2.89 4.98 -6.27
OAE PEU D . -4.25 5.50 -6.44
CAF PEU D . -4.24 6.88 -6.91
CAG PEU D . -5.70 7.35 -7.23
OAH PEU D . -5.79 8.29 -8.35
CAI PEU D . -6.87 9.33 -8.23
CAJ PEU D . -8.09 9.40 -9.20
OAK PEU D . -8.67 10.77 -9.37
CAL PEU D . -9.71 10.96 -10.42
CAM PEU D . -9.22 11.28 -11.88
OAN PEU D . -7.82 10.77 -11.99
CAO PEU D . -7.07 11.10 -13.21
CAP PEU D . -5.56 10.82 -12.96
OAQ PEU D . -4.78 11.90 -12.29
CAR PEU D . -4.18 11.43 -11.05
CAS PEU D . -2.66 11.74 -10.91
OAT PEU D . -1.98 11.35 -9.60
CAU PEU D . -1.90 9.90 -9.22
CAV PEU D . -0.87 9.58 -8.12
OAW PEU D . -0.60 10.90 -7.53
CAX PEU D . 0.11 10.91 -6.24
#